data_7TB6
#
_entry.id   7TB6
#
_cell.length_a   113.033
_cell.length_b   113.033
_cell.length_c   188.220
_cell.angle_alpha   90.000
_cell.angle_beta   90.000
_cell.angle_gamma   120.000
#
_symmetry.space_group_name_H-M   'P 65 2 2'
#
loop_
_entity.id
_entity.type
_entity.pdbx_description
1 polymer 'S. maltophilia CapW'
2 non-polymer 'SULFATE ION'
3 water water
#
_entity_poly.entity_id   1
_entity_poly.type   'polypeptide(L)'
_entity_poly.pdbx_seq_one_letter_code
;MESSGSSKVRWGQNRRLNFIDVRLQYDGRINRSDLMQFFDISAPQASADLGLYQQLAGDNLVYDTRQRIYLATPEFKPIT
KRSEATRYLNELQRLARGIVEPDESFVGYQPSTGVVVSPSRAIEADEVATLLRAIRDRVALRVRYQSMDAPEPQEWVLSP
HALGFDGLRWHARAWCHARQVFRDFAIGRLDVLEHVFSAKPVDPLLDEGWNNEVTVSLVPHPGLTPSQRRVVMRDYGMVD
GHCELRCRKAMLFYTLRHLNLESLAISDVPAQQHVVVENAEEVKQWMREDRDGLQHLRR
;
_entity_poly.pdbx_strand_id   A
#
loop_
_chem_comp.id
_chem_comp.type
_chem_comp.name
_chem_comp.formula
SO4 non-polymer 'SULFATE ION' 'O4 S -2'
#
# COMPACT_ATOMS: atom_id res chain seq x y z
N LYS A 8 -7.02 27.59 17.88
CA LYS A 8 -6.72 26.46 17.02
C LYS A 8 -6.81 25.15 17.80
N VAL A 9 -7.22 24.08 17.12
CA VAL A 9 -7.31 22.77 17.75
C VAL A 9 -5.93 22.12 17.73
N ARG A 10 -5.48 21.62 18.88
CA ARG A 10 -4.19 20.96 18.99
C ARG A 10 -4.23 19.57 18.36
N TRP A 11 -3.03 19.03 18.09
CA TRP A 11 -2.89 17.76 17.39
C TRP A 11 -3.66 16.65 18.09
N GLY A 12 -3.50 16.52 19.41
CA GLY A 12 -4.20 15.46 20.13
C GLY A 12 -5.71 15.56 20.02
N GLN A 13 -6.27 16.74 20.35
CA GLN A 13 -7.70 16.88 20.28
C GLN A 13 -8.21 16.64 18.87
N ASN A 14 -7.43 17.02 17.87
CA ASN A 14 -7.86 16.78 16.50
C ASN A 14 -7.92 15.29 16.21
N ARG A 15 -6.96 14.51 16.74
CA ARG A 15 -7.05 13.06 16.59
C ARG A 15 -8.32 12.51 17.25
N ARG A 16 -8.73 13.10 18.38
CA ARG A 16 -9.99 12.67 19.02
C ARG A 16 -11.21 13.07 18.18
N LEU A 17 -11.16 14.21 17.50
CA LEU A 17 -12.24 14.54 16.58
C LEU A 17 -12.28 13.57 15.41
N ASN A 18 -11.11 13.13 14.92
CA ASN A 18 -11.05 12.13 13.87
C ASN A 18 -11.69 10.83 14.32
N PHE A 19 -11.40 10.44 15.57
CA PHE A 19 -11.96 9.24 16.18
C PHE A 19 -13.49 9.31 16.26
N ILE A 20 -14.02 10.44 16.72
CA ILE A 20 -15.47 10.62 16.71
C ILE A 20 -16.02 10.48 15.30
N ASP A 21 -15.37 11.12 14.34
CA ASP A 21 -15.88 11.11 12.98
C ASP A 21 -15.93 9.69 12.41
N VAL A 22 -14.89 8.89 12.65
CA VAL A 22 -14.82 7.56 12.05
C VAL A 22 -15.76 6.61 12.76
N ARG A 23 -15.91 6.74 14.08
CA ARG A 23 -16.91 5.94 14.79
C ARG A 23 -18.33 6.26 14.34
N LEU A 24 -18.66 7.54 14.14
CA LEU A 24 -19.98 7.87 13.63
C LEU A 24 -20.20 7.34 12.21
N GLN A 25 -19.17 7.39 11.37
CA GLN A 25 -19.32 6.92 10.00
C GLN A 25 -19.61 5.42 9.96
N TYR A 26 -18.85 4.60 10.71
CA TYR A 26 -18.96 3.15 10.57
C TYR A 26 -19.77 2.47 11.67
N ASP A 27 -19.49 2.74 12.94
CA ASP A 27 -20.37 2.24 14.01
C ASP A 27 -21.74 2.91 14.03
N GLY A 28 -21.84 4.14 13.53
CA GLY A 28 -23.06 4.92 13.60
C GLY A 28 -23.41 5.48 14.96
N ARG A 29 -22.49 5.41 15.92
CA ARG A 29 -22.74 5.83 17.29
C ARG A 29 -21.42 5.85 18.06
N ILE A 30 -21.41 6.60 19.16
CA ILE A 30 -20.25 6.69 20.02
C ILE A 30 -20.72 7.13 21.41
N ASN A 31 -20.09 6.54 22.44
CA ASN A 31 -20.26 6.92 23.84
C ASN A 31 -19.04 7.72 24.32
N ARG A 32 -19.27 8.55 25.32
CA ARG A 32 -18.20 9.23 26.03
C ARG A 32 -17.13 8.26 26.50
N SER A 33 -17.55 7.09 27.02
CA SER A 33 -16.59 6.13 27.55
C SER A 33 -15.69 5.55 26.47
N ASP A 34 -16.14 5.54 25.20
CA ASP A 34 -15.24 5.09 24.13
C ASP A 34 -14.02 6.01 23.99
N LEU A 35 -14.24 7.31 24.11
CA LEU A 35 -13.13 8.28 24.07
C LEU A 35 -12.27 8.15 25.32
N MET A 36 -12.91 8.06 26.48
CA MET A 36 -12.18 7.98 27.74
C MET A 36 -11.24 6.78 27.75
N GLN A 37 -11.70 5.64 27.25
CA GLN A 37 -10.91 4.42 27.30
C GLN A 37 -9.82 4.44 26.24
N PHE A 38 -10.11 4.90 25.02
CA PHE A 38 -9.08 4.83 23.99
C PHE A 38 -7.94 5.80 24.27
N PHE A 39 -8.27 7.03 24.67
CA PHE A 39 -7.26 8.07 24.83
C PHE A 39 -6.84 8.28 26.27
N ASP A 40 -7.44 7.55 27.20
CA ASP A 40 -7.17 7.72 28.64
C ASP A 40 -7.37 9.17 29.09
N ILE A 41 -8.52 9.74 28.75
CA ILE A 41 -8.87 11.11 29.16
C ILE A 41 -10.01 11.02 30.15
N SER A 42 -10.26 12.15 30.82
CA SER A 42 -11.33 12.24 31.80
C SER A 42 -12.69 12.40 31.12
N ALA A 43 -13.74 12.13 31.89
CA ALA A 43 -15.11 12.34 31.40
C ALA A 43 -15.33 13.78 30.98
N PRO A 44 -14.92 14.79 31.76
CA PRO A 44 -15.13 16.17 31.30
C PRO A 44 -14.43 16.49 29.99
N GLN A 45 -13.19 16.01 29.77
CA GLN A 45 -12.51 16.26 28.51
C GLN A 45 -13.22 15.57 27.34
N ALA A 46 -13.65 14.33 27.54
CA ALA A 46 -14.35 13.61 26.48
C ALA A 46 -15.66 14.31 26.11
N SER A 47 -16.39 14.80 27.11
CA SER A 47 -17.61 15.56 26.83
C SER A 47 -17.30 16.84 26.06
N ALA A 48 -16.20 17.51 26.42
CA ALA A 48 -15.79 18.69 25.69
C ALA A 48 -15.40 18.38 24.24
N ASP A 49 -14.79 17.22 24.00
CA ASP A 49 -14.47 16.82 22.62
C ASP A 49 -15.74 16.58 21.81
N LEU A 50 -16.71 15.88 22.41
CA LEU A 50 -17.98 15.66 21.73
C LEU A 50 -18.73 16.97 21.54
N GLY A 51 -18.62 17.90 22.49
CA GLY A 51 -19.24 19.21 22.30
C GLY A 51 -18.60 19.99 21.15
N LEU A 52 -17.26 19.93 21.04
CA LEU A 52 -16.57 20.58 19.92
C LEU A 52 -16.98 19.95 18.57
N TYR A 53 -17.09 18.63 18.52
CA TYR A 53 -17.58 17.99 17.29
C TYR A 53 -19.00 18.47 16.96
N GLN A 54 -19.88 18.57 17.97
CA GLN A 54 -21.22 19.08 17.74
C GLN A 54 -21.18 20.51 17.21
N GLN A 55 -20.27 21.33 17.72
CA GLN A 55 -20.16 22.71 17.25
C GLN A 55 -19.70 22.76 15.80
N LEU A 56 -18.74 21.92 15.44
CA LEU A 56 -18.17 21.97 14.10
C LEU A 56 -19.06 21.29 13.07
N ALA A 57 -19.83 20.28 13.46
CA ALA A 57 -20.61 19.48 12.53
C ALA A 57 -21.86 18.91 13.20
N GLY A 58 -22.72 19.81 13.67
CA GLY A 58 -23.88 19.43 14.44
C GLY A 58 -24.88 18.58 13.68
N ASP A 59 -24.93 18.73 12.35
CA ASP A 59 -25.90 17.95 11.58
C ASP A 59 -25.50 16.48 11.48
N ASN A 60 -24.27 16.14 11.91
CA ASN A 60 -23.76 14.77 11.82
C ASN A 60 -24.26 13.87 12.93
N LEU A 61 -24.74 14.43 14.04
CA LEU A 61 -25.00 13.59 15.20
C LEU A 61 -26.05 14.22 16.09
N VAL A 62 -26.73 13.35 16.84
CA VAL A 62 -27.68 13.77 17.88
C VAL A 62 -27.35 12.98 19.15
N TYR A 63 -27.56 13.60 20.31
CA TYR A 63 -27.43 12.92 21.59
C TYR A 63 -28.78 12.36 22.02
N ASP A 64 -28.78 11.09 22.42
CA ASP A 64 -29.96 10.35 22.84
C ASP A 64 -29.84 10.15 24.35
N THR A 65 -30.71 10.84 25.11
CA THR A 65 -30.60 10.82 26.56
C THR A 65 -31.08 9.52 27.18
N ARG A 66 -31.97 8.80 26.50
CA ARG A 66 -32.41 7.50 27.01
C ARG A 66 -31.28 6.48 26.98
N GLN A 67 -30.57 6.38 25.86
CA GLN A 67 -29.45 5.45 25.78
C GLN A 67 -28.13 6.08 26.21
N ARG A 68 -28.08 7.40 26.44
CA ARG A 68 -26.84 8.12 26.77
C ARG A 68 -25.74 7.84 25.73
N ILE A 69 -26.04 8.11 24.46
CA ILE A 69 -25.12 7.81 23.38
C ILE A 69 -25.37 8.82 22.28
N TYR A 70 -24.34 9.10 21.50
CA TYR A 70 -24.44 9.97 20.35
C TYR A 70 -24.67 9.07 19.13
N LEU A 71 -25.65 9.44 18.31
CA LEU A 71 -26.06 8.67 17.14
C LEU A 71 -25.79 9.45 15.88
N ALA A 72 -25.16 8.80 14.90
CA ALA A 72 -25.04 9.42 13.58
C ALA A 72 -26.42 9.61 12.94
N THR A 73 -26.58 10.72 12.21
CA THR A 73 -27.82 11.03 11.51
C THR A 73 -27.77 10.51 10.07
N PRO A 74 -28.92 10.38 9.41
CA PRO A 74 -28.92 10.05 7.97
C PRO A 74 -28.20 11.06 7.12
N GLU A 75 -28.09 12.30 7.59
CA GLU A 75 -27.35 13.36 6.89
C GLU A 75 -25.83 13.32 7.11
N PHE A 76 -25.29 12.33 7.79
CA PHE A 76 -23.88 12.38 8.14
C PHE A 76 -22.99 12.59 6.92
N LYS A 77 -22.07 13.54 7.02
CA LYS A 77 -20.95 13.72 6.09
C LYS A 77 -19.64 13.84 6.87
N PRO A 78 -18.63 13.02 6.56
CA PRO A 78 -17.41 13.01 7.39
C PRO A 78 -16.72 14.36 7.37
N ILE A 79 -16.22 14.79 8.52
CA ILE A 79 -15.45 16.03 8.51
C ILE A 79 -14.01 15.85 8.07
N THR A 80 -13.51 14.63 8.00
CA THR A 80 -12.15 14.41 7.57
C THR A 80 -12.11 13.29 6.54
N LYS A 81 -11.24 13.49 5.54
CA LYS A 81 -10.94 12.41 4.59
C LYS A 81 -10.33 11.19 5.26
N ARG A 82 -9.79 11.33 6.47
CA ARG A 82 -9.24 10.17 7.16
C ARG A 82 -10.29 9.14 7.54
N SER A 83 -11.58 9.47 7.40
CA SER A 83 -12.67 8.51 7.59
C SER A 83 -13.05 7.75 6.32
N GLU A 84 -12.35 7.97 5.20
CA GLU A 84 -12.78 7.38 3.94
C GLU A 84 -12.67 5.86 3.97
N ALA A 85 -13.34 5.21 3.00
CA ALA A 85 -13.53 3.75 3.05
C ALA A 85 -12.25 2.98 2.75
N THR A 86 -11.44 3.47 1.83
CA THR A 86 -10.16 2.81 1.52
C THR A 86 -9.29 2.71 2.77
N ARG A 87 -9.18 3.82 3.50
CA ARG A 87 -8.43 3.81 4.75
C ARG A 87 -9.02 2.82 5.76
N TYR A 88 -10.36 2.83 5.90
CA TYR A 88 -10.96 2.00 6.95
C TYR A 88 -10.85 0.51 6.62
N LEU A 89 -11.09 0.15 5.35
CA LEU A 89 -10.86 -1.24 4.94
C LEU A 89 -9.38 -1.62 5.13
N ASN A 90 -8.46 -0.71 4.83
CA ASN A 90 -7.04 -1.00 5.06
C ASN A 90 -6.77 -1.23 6.55
N GLU A 91 -7.45 -0.48 7.42
CA GLU A 91 -7.31 -0.72 8.86
C GLU A 91 -7.77 -2.11 9.24
N LEU A 92 -8.92 -2.55 8.69
CA LEU A 92 -9.41 -3.89 9.03
C LEU A 92 -8.42 -4.96 8.59
N GLN A 93 -7.81 -4.78 7.42
CA GLN A 93 -6.77 -5.70 6.95
C GLN A 93 -5.58 -5.72 7.89
N ARG A 94 -5.11 -4.55 8.31
CA ARG A 94 -3.97 -4.48 9.22
C ARG A 94 -4.28 -5.11 10.57
N LEU A 95 -5.50 -4.93 11.09
CA LEU A 95 -5.86 -5.59 12.33
C LEU A 95 -5.91 -7.10 12.17
N ALA A 96 -6.52 -7.59 11.09
CA ALA A 96 -6.63 -9.04 10.88
C ALA A 96 -5.26 -9.67 10.67
N ARG A 97 -4.34 -8.99 10.00
CA ARG A 97 -3.00 -9.52 9.80
C ARG A 97 -2.11 -9.34 11.01
N GLY A 98 -2.57 -8.66 12.05
CA GLY A 98 -1.76 -8.42 13.23
C GLY A 98 -0.68 -7.37 13.03
N ILE A 99 -0.78 -6.55 11.99
CA ILE A 99 0.20 -5.47 11.81
C ILE A 99 0.08 -4.43 12.90
N VAL A 100 -1.16 -4.13 13.30
CA VAL A 100 -1.44 -3.25 14.44
C VAL A 100 -2.42 -3.93 15.38
N GLU A 101 -2.43 -3.45 16.64
CA GLU A 101 -3.28 -3.94 17.72
C GLU A 101 -4.51 -3.08 17.83
N PRO A 102 -5.59 -3.59 18.42
CA PRO A 102 -6.81 -2.77 18.52
C PRO A 102 -6.60 -1.41 19.20
N ASP A 103 -5.65 -1.29 20.16
CA ASP A 103 -5.43 0.01 20.80
C ASP A 103 -4.64 0.98 19.94
N GLU A 104 -4.16 0.55 18.78
CA GLU A 104 -3.52 1.43 17.81
C GLU A 104 -4.46 1.87 16.69
N SER A 105 -5.73 1.48 16.74
CA SER A 105 -6.67 1.73 15.64
C SER A 105 -7.98 2.32 16.15
N PHE A 106 -8.53 3.21 15.33
CA PHE A 106 -9.80 3.84 15.65
C PHE A 106 -11.00 2.94 15.33
N VAL A 107 -10.79 1.79 14.69
CA VAL A 107 -11.86 0.86 14.37
C VAL A 107 -12.64 0.54 15.63
N GLY A 108 -13.97 0.63 15.55
CA GLY A 108 -14.86 0.28 16.65
C GLY A 108 -15.28 -1.18 16.58
N TYR A 109 -16.41 -1.46 15.94
CA TYR A 109 -16.85 -2.84 15.80
C TYR A 109 -15.88 -3.59 14.86
N GLN A 110 -15.34 -4.69 15.33
CA GLN A 110 -14.42 -5.49 14.54
C GLN A 110 -15.14 -6.72 14.04
N PRO A 111 -15.51 -6.79 12.77
CA PRO A 111 -16.19 -7.99 12.28
C PRO A 111 -15.23 -9.16 12.23
N SER A 112 -15.79 -10.36 12.28
CA SER A 112 -15.03 -11.54 11.90
C SER A 112 -14.43 -11.33 10.53
N THR A 113 -13.13 -11.57 10.41
CA THR A 113 -12.43 -11.27 9.16
C THR A 113 -11.59 -12.48 8.80
N GLY A 114 -11.46 -12.72 7.50
CA GLY A 114 -10.52 -13.67 6.96
C GLY A 114 -9.67 -12.98 5.90
N VAL A 115 -8.35 -12.99 6.07
CA VAL A 115 -7.45 -12.31 5.13
C VAL A 115 -6.38 -13.32 4.68
N VAL A 116 -6.12 -13.35 3.38
CA VAL A 116 -5.12 -14.27 2.86
C VAL A 116 -3.76 -13.96 3.50
N VAL A 117 -2.94 -15.00 3.65
CA VAL A 117 -1.65 -14.93 4.35
C VAL A 117 -0.54 -14.79 3.32
N SER A 118 0.40 -13.90 3.58
CA SER A 118 1.58 -13.73 2.72
C SER A 118 2.83 -14.23 3.47
N PRO A 119 3.24 -15.48 3.30
CA PRO A 119 4.34 -16.00 4.12
C PRO A 119 5.67 -15.37 3.68
N SER A 120 6.41 -14.86 4.66
CA SER A 120 7.68 -14.20 4.35
C SER A 120 8.60 -14.21 5.55
N ARG A 121 9.86 -13.88 5.28
CA ARG A 121 10.85 -13.70 6.34
C ARG A 121 10.60 -12.37 7.02
N ALA A 122 10.44 -12.40 8.34
CA ALA A 122 10.39 -11.16 9.11
C ALA A 122 11.72 -10.44 9.00
N ILE A 123 11.70 -9.18 8.56
CA ILE A 123 12.93 -8.43 8.32
C ILE A 123 13.30 -7.71 9.60
N GLU A 124 14.61 -7.56 9.85
CA GLU A 124 15.06 -6.83 11.03
C GLU A 124 15.06 -5.32 10.76
N ALA A 125 14.55 -4.55 11.71
CA ALA A 125 14.49 -3.10 11.56
C ALA A 125 15.87 -2.52 11.26
N ASP A 126 16.91 -3.05 11.90
CA ASP A 126 18.26 -2.50 11.73
C ASP A 126 18.74 -2.66 10.30
N GLU A 127 18.36 -3.75 9.64
CA GLU A 127 18.77 -3.90 8.25
C GLU A 127 18.00 -2.98 7.31
N VAL A 128 16.69 -2.84 7.53
CA VAL A 128 15.91 -1.89 6.75
C VAL A 128 16.47 -0.50 6.95
N ALA A 129 16.80 -0.18 8.20
CA ALA A 129 17.31 1.16 8.53
C ALA A 129 18.63 1.45 7.81
N THR A 130 19.56 0.49 7.81
CA THR A 130 20.83 0.67 7.12
C THR A 130 20.61 0.91 5.64
N LEU A 131 19.69 0.15 5.02
CA LEU A 131 19.36 0.34 3.63
C LEU A 131 18.76 1.72 3.35
N LEU A 132 17.78 2.13 4.15
CA LEU A 132 17.15 3.44 3.95
C LEU A 132 18.17 4.57 4.07
N ARG A 133 19.02 4.52 5.08
CA ARG A 133 20.03 5.56 5.21
C ARG A 133 21.03 5.52 4.06
N ALA A 134 21.35 4.33 3.55
CA ALA A 134 22.27 4.24 2.41
C ALA A 134 21.64 4.86 1.17
N ILE A 135 20.33 4.64 1.01
CA ILE A 135 19.60 5.31 -0.07
C ILE A 135 19.65 6.82 0.11
N ARG A 136 19.29 7.30 1.29
CA ARG A 136 19.29 8.74 1.56
C ARG A 136 20.67 9.35 1.31
N ASP A 137 21.74 8.69 1.74
CA ASP A 137 23.08 9.28 1.71
C ASP A 137 23.86 8.87 0.47
N ARG A 138 23.28 8.03 -0.39
CA ARG A 138 23.91 7.62 -1.63
C ARG A 138 25.26 6.93 -1.38
N VAL A 139 25.24 5.98 -0.45
CA VAL A 139 26.48 5.30 -0.12
C VAL A 139 26.34 3.83 -0.49
N ALA A 140 27.48 3.18 -0.70
CA ALA A 140 27.57 1.80 -1.13
C ALA A 140 27.68 0.88 0.08
N LEU A 141 27.13 -0.30 -0.07
CA LEU A 141 27.09 -1.31 0.97
C LEU A 141 27.69 -2.61 0.47
N ARG A 142 28.52 -3.21 1.31
CA ARG A 142 28.95 -4.60 1.11
C ARG A 142 27.89 -5.53 1.71
N VAL A 143 27.38 -6.47 0.91
CA VAL A 143 26.25 -7.30 1.33
C VAL A 143 26.58 -8.74 0.99
N ARG A 144 25.89 -9.65 1.69
CA ARG A 144 25.74 -11.04 1.25
C ARG A 144 24.34 -11.21 0.67
N TYR A 145 24.23 -11.90 -0.45
CA TYR A 145 22.97 -12.12 -1.15
C TYR A 145 22.95 -13.56 -1.63
N GLN A 146 21.81 -14.22 -1.54
CA GLN A 146 21.64 -15.58 -2.05
C GLN A 146 20.40 -15.60 -2.91
N SER A 147 20.46 -16.31 -4.03
CA SER A 147 19.33 -16.35 -4.93
C SER A 147 19.14 -17.78 -5.43
N MET A 148 18.04 -17.98 -6.17
CA MET A 148 17.78 -19.31 -6.73
C MET A 148 18.87 -19.70 -7.73
N ASP A 149 19.28 -18.77 -8.60
CA ASP A 149 20.33 -19.06 -9.56
C ASP A 149 21.71 -19.11 -8.92
N ALA A 150 21.92 -18.44 -7.78
CA ALA A 150 23.21 -18.39 -7.11
C ALA A 150 22.97 -18.57 -5.62
N PRO A 151 22.70 -19.82 -5.18
CA PRO A 151 22.21 -20.04 -3.81
C PRO A 151 23.28 -19.95 -2.72
N GLU A 152 24.52 -20.26 -3.07
CA GLU A 152 25.61 -20.15 -2.11
C GLU A 152 25.82 -18.67 -1.80
N PRO A 153 25.62 -18.22 -0.57
CA PRO A 153 25.74 -16.78 -0.29
C PRO A 153 27.06 -16.21 -0.81
N GLN A 154 26.95 -15.07 -1.48
CA GLN A 154 27.99 -14.42 -2.25
C GLN A 154 27.97 -12.95 -1.82
N GLU A 155 29.14 -12.31 -1.85
CA GLU A 155 29.22 -10.92 -1.46
C GLU A 155 29.19 -10.02 -2.69
N TRP A 156 28.51 -8.89 -2.54
CA TRP A 156 28.42 -7.89 -3.58
C TRP A 156 28.56 -6.52 -2.97
N VAL A 157 28.95 -5.56 -3.80
CA VAL A 157 28.91 -4.15 -3.43
C VAL A 157 27.75 -3.52 -4.18
N LEU A 158 26.79 -2.96 -3.44
CA LEU A 158 25.58 -2.39 -3.99
C LEU A 158 25.39 -0.96 -3.54
N SER A 159 24.94 -0.11 -4.47
CA SER A 159 24.51 1.24 -4.11
C SER A 159 23.01 1.36 -4.29
N PRO A 160 22.22 1.19 -3.22
CA PRO A 160 20.76 1.24 -3.35
C PRO A 160 20.24 2.65 -3.51
N HIS A 161 19.17 2.80 -4.34
CA HIS A 161 18.56 4.11 -4.48
C HIS A 161 17.04 4.11 -4.36
N ALA A 162 16.40 2.97 -4.24
CA ALA A 162 14.95 2.93 -4.16
C ALA A 162 14.51 1.59 -3.58
N LEU A 163 13.24 1.53 -3.22
CA LEU A 163 12.62 0.28 -2.78
C LEU A 163 11.41 -0.04 -3.64
N GLY A 164 11.20 -1.33 -3.87
CA GLY A 164 10.06 -1.78 -4.62
C GLY A 164 9.30 -2.89 -3.87
N PHE A 165 7.98 -2.90 -4.08
CA PHE A 165 7.11 -3.92 -3.47
C PHE A 165 6.30 -4.62 -4.56
N ASP A 166 6.46 -5.95 -4.65
CA ASP A 166 5.87 -6.67 -5.77
C ASP A 166 4.51 -7.28 -5.47
N GLY A 167 3.88 -6.89 -4.37
CA GLY A 167 2.64 -7.47 -3.92
C GLY A 167 2.79 -8.45 -2.80
N LEU A 168 3.97 -9.07 -2.65
CA LEU A 168 4.23 -10.01 -1.58
C LEU A 168 5.49 -9.64 -0.80
N ARG A 169 6.53 -9.12 -1.45
CA ARG A 169 7.82 -8.90 -0.80
C ARG A 169 8.47 -7.62 -1.28
N TRP A 170 9.40 -7.10 -0.48
CA TRP A 170 10.15 -5.89 -0.83
C TRP A 170 11.49 -6.22 -1.48
N HIS A 171 11.94 -5.34 -2.38
CA HIS A 171 13.30 -5.42 -2.88
C HIS A 171 13.93 -4.03 -2.86
N ALA A 172 15.26 -4.03 -2.81
CA ALA A 172 16.04 -2.81 -3.03
C ALA A 172 16.41 -2.73 -4.51
N ARG A 173 16.19 -1.56 -5.11
CA ARG A 173 16.70 -1.22 -6.43
C ARG A 173 18.10 -0.63 -6.27
N ALA A 174 19.09 -1.22 -6.93
CA ALA A 174 20.48 -0.82 -6.63
C ALA A 174 21.40 -1.02 -7.83
N TRP A 175 22.44 -0.17 -7.88
CA TRP A 175 23.57 -0.40 -8.76
C TRP A 175 24.43 -1.55 -8.23
N CYS A 176 24.64 -2.58 -9.06
CA CYS A 176 25.55 -3.67 -8.74
C CYS A 176 26.92 -3.29 -9.30
N HIS A 177 27.88 -3.05 -8.41
CA HIS A 177 29.16 -2.51 -8.86
C HIS A 177 29.98 -3.51 -9.67
N ALA A 178 29.79 -4.79 -9.42
CA ALA A 178 30.55 -5.82 -10.13
C ALA A 178 29.96 -6.12 -11.51
N ARG A 179 28.65 -6.27 -11.60
CA ARG A 179 28.02 -6.57 -12.88
C ARG A 179 27.67 -5.30 -13.66
N GLN A 180 27.82 -4.11 -13.06
CA GLN A 180 27.63 -2.83 -13.75
C GLN A 180 26.22 -2.70 -14.34
N VAL A 181 25.22 -2.96 -13.51
CA VAL A 181 23.82 -2.84 -13.90
C VAL A 181 23.01 -2.40 -12.68
N PHE A 182 21.90 -1.71 -12.94
CA PHE A 182 20.88 -1.52 -11.92
C PHE A 182 19.94 -2.73 -11.91
N ARG A 183 19.64 -3.24 -10.74
CA ARG A 183 18.80 -4.43 -10.67
C ARG A 183 18.21 -4.56 -9.28
N ASP A 184 17.44 -5.64 -9.06
CA ASP A 184 16.63 -5.82 -7.86
C ASP A 184 17.23 -6.83 -6.91
N PHE A 185 17.12 -6.56 -5.62
CA PHE A 185 17.62 -7.45 -4.57
C PHE A 185 16.55 -7.56 -3.49
N ALA A 186 16.00 -8.77 -3.32
CA ALA A 186 15.00 -9.00 -2.28
C ALA A 186 15.59 -8.73 -0.91
N ILE A 187 14.91 -7.89 -0.13
CA ILE A 187 15.50 -7.48 1.13
C ILE A 187 15.58 -8.67 2.09
N GLY A 188 14.68 -9.64 1.96
CA GLY A 188 14.74 -10.82 2.81
C GLY A 188 15.90 -11.75 2.50
N ARG A 189 16.60 -11.53 1.38
CA ARG A 189 17.75 -12.34 1.03
C ARG A 189 19.06 -11.59 1.20
N LEU A 190 19.01 -10.37 1.71
CA LEU A 190 20.19 -9.54 1.86
C LEU A 190 20.67 -9.58 3.30
N ASP A 191 21.98 -9.77 3.49
CA ASP A 191 22.65 -9.49 4.75
C ASP A 191 23.59 -8.32 4.53
N VAL A 192 23.32 -7.19 5.17
CA VAL A 192 24.16 -6.00 5.02
C VAL A 192 25.34 -6.13 5.97
N LEU A 193 26.56 -6.00 5.45
CA LEU A 193 27.74 -6.28 6.24
C LEU A 193 28.47 -5.03 6.69
N GLU A 194 28.76 -4.09 5.78
CA GLU A 194 29.42 -2.84 6.15
C GLU A 194 29.28 -1.86 5.00
N HIS A 195 29.60 -0.61 5.28
CA HIS A 195 29.64 0.40 4.23
C HIS A 195 30.95 0.32 3.47
N VAL A 196 30.90 0.70 2.20
CA VAL A 196 32.08 0.73 1.34
C VAL A 196 32.25 2.18 0.91
N PHE A 197 32.92 2.98 1.73
CA PHE A 197 33.01 4.41 1.45
C PHE A 197 33.96 4.73 0.30
N SER A 198 34.83 3.80 -0.11
CA SER A 198 35.71 4.10 -1.23
C SER A 198 35.10 3.80 -2.59
N ALA A 199 33.89 3.25 -2.64
CA ALA A 199 33.28 2.92 -3.92
C ALA A 199 32.89 4.18 -4.70
N LYS A 200 32.85 4.04 -6.01
CA LYS A 200 32.47 5.13 -6.91
C LYS A 200 31.04 5.60 -6.67
N PRO A 201 30.80 6.91 -6.60
CA PRO A 201 29.42 7.37 -6.46
C PRO A 201 28.63 7.07 -7.72
N VAL A 202 27.35 6.80 -7.52
CA VAL A 202 26.46 6.39 -8.59
C VAL A 202 25.34 7.42 -8.72
N ASP A 203 25.05 7.84 -9.95
CA ASP A 203 23.94 8.73 -10.20
C ASP A 203 22.68 7.90 -10.43
N PRO A 204 21.72 7.89 -9.51
CA PRO A 204 20.52 7.07 -9.73
C PRO A 204 19.67 7.57 -10.87
N LEU A 205 19.85 8.81 -11.33
CA LEU A 205 19.13 9.27 -12.51
C LEU A 205 19.52 8.50 -13.77
N LEU A 206 20.56 7.68 -13.71
CA LEU A 206 20.96 6.87 -14.85
C LEU A 206 20.24 5.52 -14.89
N ASP A 207 19.43 5.20 -13.89
CA ASP A 207 18.66 3.95 -13.88
C ASP A 207 17.40 4.22 -14.71
N GLU A 208 17.51 3.93 -16.02
CA GLU A 208 16.41 4.24 -16.93
C GLU A 208 15.18 3.38 -16.62
N GLY A 209 15.38 2.12 -16.20
CA GLY A 209 14.23 1.29 -15.90
C GLY A 209 13.43 1.81 -14.73
N TRP A 210 14.12 2.34 -13.72
CA TRP A 210 13.44 2.88 -12.55
C TRP A 210 12.75 4.21 -12.85
N ASN A 211 13.37 5.06 -13.65
CA ASN A 211 12.90 6.42 -13.81
C ASN A 211 11.91 6.60 -14.96
N ASN A 212 11.89 5.69 -15.92
CA ASN A 212 10.96 5.77 -17.05
C ASN A 212 9.63 5.10 -16.71
N GLU A 213 8.56 5.88 -16.69
CA GLU A 213 7.22 5.36 -16.46
C GLU A 213 6.62 4.92 -17.79
N VAL A 214 5.87 3.82 -17.77
CA VAL A 214 5.21 3.26 -18.94
C VAL A 214 3.75 3.01 -18.60
N THR A 215 2.93 2.82 -19.63
CA THR A 215 1.49 2.66 -19.47
C THR A 215 1.07 1.27 -19.94
N VAL A 216 0.39 0.53 -19.08
CA VAL A 216 -0.23 -0.72 -19.44
C VAL A 216 -1.74 -0.46 -19.63
N SER A 217 -2.22 -0.59 -20.85
CA SER A 217 -3.63 -0.33 -21.16
C SER A 217 -4.42 -1.62 -21.08
N LEU A 218 -5.35 -1.66 -20.13
CA LEU A 218 -6.18 -2.83 -19.83
C LEU A 218 -7.62 -2.63 -20.29
N VAL A 219 -8.18 -3.65 -20.91
CA VAL A 219 -9.60 -3.64 -21.29
C VAL A 219 -10.22 -4.98 -20.95
N PRO A 220 -11.55 -5.02 -20.83
CA PRO A 220 -12.24 -6.30 -20.66
C PRO A 220 -12.04 -7.17 -21.89
N HIS A 221 -11.91 -8.48 -21.64
CA HIS A 221 -11.78 -9.46 -22.72
C HIS A 221 -12.89 -9.25 -23.76
N PRO A 222 -12.56 -9.27 -25.06
CA PRO A 222 -13.56 -8.94 -26.10
C PRO A 222 -14.61 -10.02 -26.31
N GLY A 223 -14.43 -11.23 -25.76
CA GLY A 223 -15.44 -12.26 -25.86
C GLY A 223 -16.57 -12.16 -24.87
N LEU A 224 -16.53 -11.15 -24.01
CA LEU A 224 -17.57 -10.98 -23.00
C LEU A 224 -18.81 -10.37 -23.63
N THR A 225 -19.98 -10.74 -23.09
CA THR A 225 -21.20 -10.03 -23.48
C THR A 225 -21.13 -8.61 -22.93
N PRO A 226 -21.92 -7.68 -23.49
CA PRO A 226 -21.92 -6.32 -22.94
C PRO A 226 -22.22 -6.28 -21.45
N SER A 227 -23.16 -7.12 -20.98
CA SER A 227 -23.46 -7.13 -19.55
C SER A 227 -22.27 -7.61 -18.71
N GLN A 228 -21.57 -8.65 -19.18
CA GLN A 228 -20.40 -9.11 -18.43
C GLN A 228 -19.28 -8.07 -18.47
N ARG A 229 -19.14 -7.39 -19.61
CA ARG A 229 -18.15 -6.31 -19.74
C ARG A 229 -18.37 -5.27 -18.66
N ARG A 230 -19.63 -4.93 -18.39
CA ARG A 230 -19.93 -3.92 -17.39
C ARG A 230 -19.55 -4.40 -16.00
N VAL A 231 -19.65 -5.71 -15.76
CA VAL A 231 -19.21 -6.26 -14.47
C VAL A 231 -17.71 -6.10 -14.30
N VAL A 232 -16.95 -6.50 -15.34
CA VAL A 232 -15.50 -6.41 -15.28
C VAL A 232 -15.08 -4.95 -15.13
N MET A 233 -15.73 -4.06 -15.86
CA MET A 233 -15.40 -2.64 -15.79
C MET A 233 -15.57 -2.13 -14.36
N ARG A 234 -16.68 -2.50 -13.72
CA ARG A 234 -16.87 -2.10 -12.33
C ARG A 234 -15.84 -2.74 -11.40
N ASP A 235 -15.54 -4.03 -11.62
CA ASP A 235 -14.55 -4.70 -10.79
C ASP A 235 -13.20 -4.00 -10.80
N TYR A 236 -12.75 -3.53 -11.97
CA TYR A 236 -11.43 -2.95 -12.16
C TYR A 236 -11.45 -1.44 -12.14
N GLY A 237 -12.56 -0.84 -11.75
CA GLY A 237 -12.65 0.61 -11.73
C GLY A 237 -12.31 1.27 -13.04
N MET A 238 -12.77 0.69 -14.15
CA MET A 238 -12.42 1.23 -15.46
C MET A 238 -13.30 2.42 -15.79
N VAL A 239 -12.67 3.53 -16.16
CA VAL A 239 -13.38 4.69 -16.67
C VAL A 239 -13.33 4.62 -18.19
N ASP A 240 -14.52 4.58 -18.81
CA ASP A 240 -14.66 4.67 -20.26
C ASP A 240 -14.19 3.41 -20.99
N GLY A 241 -14.34 2.25 -20.35
CA GLY A 241 -14.10 0.98 -21.02
C GLY A 241 -12.66 0.50 -21.03
N HIS A 242 -11.76 1.15 -20.31
CA HIS A 242 -10.37 0.72 -20.20
C HIS A 242 -9.78 1.27 -18.90
N CYS A 243 -8.60 0.75 -18.54
CA CYS A 243 -7.84 1.18 -17.37
C CYS A 243 -6.40 1.40 -17.84
N GLU A 244 -5.88 2.62 -17.67
CA GLU A 244 -4.52 2.97 -18.01
C GLU A 244 -3.69 2.85 -16.74
N LEU A 245 -2.95 1.76 -16.61
CA LEU A 245 -2.09 1.55 -15.45
C LEU A 245 -0.71 2.10 -15.74
N ARG A 246 -0.23 2.96 -14.86
CA ARG A 246 1.07 3.59 -15.01
C ARG A 246 2.04 2.97 -14.01
N CYS A 247 3.24 2.59 -14.47
CA CYS A 247 4.25 2.07 -13.55
C CYS A 247 5.63 2.27 -14.14
N ARG A 248 6.63 2.16 -13.27
CA ARG A 248 8.00 2.16 -13.72
C ARG A 248 8.28 0.95 -14.58
N LYS A 249 9.11 1.15 -15.60
CA LYS A 249 9.45 0.04 -16.49
C LYS A 249 10.04 -1.12 -15.69
N ALA A 250 10.87 -0.82 -14.69
CA ALA A 250 11.44 -1.88 -13.85
C ALA A 250 10.43 -2.48 -12.89
N MET A 251 9.19 -1.99 -12.82
CA MET A 251 8.13 -2.65 -12.06
C MET A 251 7.09 -3.32 -12.95
N LEU A 252 7.30 -3.32 -14.27
CA LEU A 252 6.27 -3.86 -15.18
C LEU A 252 6.05 -5.34 -14.95
N PHE A 253 7.13 -6.13 -14.96
CA PHE A 253 6.99 -7.57 -14.75
C PHE A 253 6.27 -7.87 -13.44
N TYR A 254 6.66 -7.20 -12.35
CA TYR A 254 6.00 -7.44 -11.06
C TYR A 254 4.51 -7.10 -11.16
N THR A 255 4.17 -6.03 -11.86
CA THR A 255 2.79 -5.61 -11.97
C THR A 255 1.95 -6.66 -12.71
N LEU A 256 2.47 -7.18 -13.83
CA LEU A 256 1.74 -8.20 -14.57
C LEU A 256 1.59 -9.46 -13.76
N ARG A 257 2.61 -9.84 -13.00
CA ARG A 257 2.48 -11.03 -12.17
C ARG A 257 1.43 -10.83 -11.07
N HIS A 258 1.45 -9.65 -10.42
CA HIS A 258 0.50 -9.34 -9.36
C HIS A 258 -0.96 -9.42 -9.83
N LEU A 259 -1.21 -9.06 -11.09
CA LEU A 259 -2.57 -9.07 -11.63
C LEU A 259 -2.86 -10.28 -12.51
N ASN A 260 -1.91 -11.22 -12.59
CA ASN A 260 -2.06 -12.42 -13.41
C ASN A 260 -2.25 -12.07 -14.87
N LEU A 261 -1.48 -11.11 -15.37
CA LEU A 261 -1.59 -10.67 -16.76
C LEU A 261 -0.40 -11.08 -17.60
N GLU A 262 0.37 -12.08 -17.14
CA GLU A 262 1.64 -12.39 -17.81
C GLU A 262 1.43 -13.04 -19.17
N SER A 263 0.37 -13.81 -19.33
CA SER A 263 0.03 -14.38 -20.64
C SER A 263 -0.64 -13.26 -21.44
N LEU A 264 0.11 -12.68 -22.40
CA LEU A 264 -0.40 -11.50 -23.09
C LEU A 264 -1.42 -11.83 -24.18
N ALA A 265 -1.37 -13.02 -24.77
CA ALA A 265 -2.29 -13.37 -25.83
C ALA A 265 -3.74 -13.28 -25.34
N ILE A 266 -4.64 -12.92 -26.26
CA ILE A 266 -6.06 -12.93 -25.94
C ILE A 266 -6.55 -14.37 -26.11
N SER A 267 -6.90 -15.00 -25.00
CA SER A 267 -7.30 -16.41 -25.05
C SER A 267 -8.72 -16.55 -25.61
N ASP A 268 -9.08 -17.78 -25.99
CA ASP A 268 -10.44 -18.10 -26.39
C ASP A 268 -11.34 -18.42 -25.20
N VAL A 269 -10.94 -18.08 -23.98
CA VAL A 269 -11.75 -18.43 -22.80
C VAL A 269 -11.97 -17.20 -21.93
N PRO A 270 -12.95 -16.35 -22.28
CA PRO A 270 -13.18 -15.12 -21.50
C PRO A 270 -13.28 -15.33 -20.00
N ALA A 271 -13.79 -16.49 -19.57
CA ALA A 271 -14.10 -16.67 -18.15
C ALA A 271 -12.83 -16.80 -17.32
N GLN A 272 -11.74 -17.28 -17.90
CA GLN A 272 -10.47 -17.41 -17.18
C GLN A 272 -9.55 -16.22 -17.37
N GLN A 273 -9.97 -15.21 -18.13
CA GLN A 273 -9.11 -14.07 -18.49
C GLN A 273 -10.03 -12.84 -18.65
N HIS A 274 -10.44 -12.27 -17.52
CA HIS A 274 -11.44 -11.22 -17.60
C HIS A 274 -10.92 -9.98 -18.29
N VAL A 275 -9.62 -9.72 -18.17
CA VAL A 275 -8.98 -8.48 -18.61
C VAL A 275 -7.78 -8.85 -19.47
N VAL A 276 -7.58 -8.09 -20.56
CA VAL A 276 -6.45 -8.29 -21.46
C VAL A 276 -5.65 -6.99 -21.58
N VAL A 277 -4.38 -7.14 -21.96
CA VAL A 277 -3.48 -6.01 -22.15
C VAL A 277 -3.60 -5.58 -23.61
N GLU A 278 -3.94 -4.31 -23.84
CA GLU A 278 -4.12 -3.87 -25.21
C GLU A 278 -2.81 -3.74 -25.94
N ASN A 279 -1.80 -3.21 -25.27
CA ASN A 279 -0.52 -2.88 -25.89
C ASN A 279 0.52 -3.97 -25.59
N ALA A 280 0.19 -5.19 -26.05
CA ALA A 280 1.02 -6.34 -25.75
C ALA A 280 2.43 -6.19 -26.30
N GLU A 281 2.57 -5.64 -27.51
CA GLU A 281 3.87 -5.53 -28.13
C GLU A 281 4.75 -4.51 -27.41
N GLU A 282 4.18 -3.36 -27.02
CA GLU A 282 4.93 -2.42 -26.17
C GLU A 282 5.40 -3.08 -24.88
N VAL A 283 4.52 -3.83 -24.23
CA VAL A 283 4.86 -4.42 -22.94
C VAL A 283 5.96 -5.46 -23.11
N LYS A 284 5.82 -6.34 -24.08
CA LYS A 284 6.89 -7.29 -24.38
C LYS A 284 8.21 -6.59 -24.61
N GLN A 285 8.21 -5.58 -25.49
CA GLN A 285 9.44 -4.85 -25.77
C GLN A 285 10.01 -4.22 -24.52
N TRP A 286 9.16 -3.58 -23.70
CA TRP A 286 9.68 -2.89 -22.52
C TRP A 286 10.33 -3.86 -21.54
N MET A 287 9.82 -5.09 -21.47
CA MET A 287 10.41 -6.06 -20.57
C MET A 287 11.72 -6.61 -21.12
N ARG A 288 11.84 -6.75 -22.44
CA ARG A 288 13.11 -7.18 -23.01
C ARG A 288 14.18 -6.12 -22.79
N GLU A 289 13.83 -4.84 -22.97
CA GLU A 289 14.79 -3.77 -22.72
C GLU A 289 15.27 -3.80 -21.28
N ASP A 290 14.36 -4.03 -20.34
CA ASP A 290 14.71 -3.90 -18.94
C ASP A 290 15.53 -5.08 -18.45
N ARG A 291 15.24 -6.27 -18.98
CA ARG A 291 16.07 -7.46 -18.76
C ARG A 291 17.24 -7.48 -19.73
N ASP A 292 18.11 -6.47 -19.58
CA ASP A 292 19.24 -6.29 -20.48
C ASP A 292 20.05 -5.08 -20.00
S SO4 B . -21.77 0.28 -22.47
O1 SO4 B . -21.50 0.03 -23.88
O2 SO4 B . -23.19 0.05 -22.22
O3 SO4 B . -20.95 -0.61 -21.64
O4 SO4 B . -21.45 1.68 -22.16
S SO4 C . 14.40 -15.82 -8.09
O1 SO4 C . 14.16 -14.54 -8.72
O2 SO4 C . 13.36 -16.07 -7.09
O3 SO4 C . 15.71 -15.81 -7.45
O4 SO4 C . 14.34 -16.88 -9.10
#